data_7O54
#
_entry.id   7O54
#
_cell.length_a   89.365
_cell.length_b   89.365
_cell.length_c   129.835
_cell.angle_alpha   90.000
_cell.angle_beta   90.000
_cell.angle_gamma   120.000
#
_symmetry.space_group_name_H-M   'H 3 2'
#
loop_
_entity.id
_entity.type
_entity.pdbx_description
1 polymer 'Carboxysome assembly protein CcmM'
2 polymer 'Carbonic anhydrase'
3 non-polymer 'NICKEL (II) ION'
4 non-polymer 'CHLORIDE ION'
5 water water
#
loop_
_entity_poly.entity_id
_entity_poly.type
_entity_poly.pdbx_seq_one_letter_code
_entity_poly.pdbx_strand_id
1 'polypeptide(L)'
;MPSPTTVPVATAGRLAEPYIDPAAQVHAIASIIGDVRIAAGVRVAAGVSIRADEGAPFQVGKESILQEGAVIHGLEYGRV
LGDDQADYSVWIGQRVAITHKALIHGPAYLGDDCFVGFRSTVFNARVGAGSVIMMHALVQDVEIPPGRYVPSGAIITTQQ
QADRLPEVRPEDREFARHIIG
;
A
2 'polypeptide(L)' GWLAPEQQQRIYRGNAS B
#
# COMPACT_ATOMS: atom_id res chain seq x y z
N ALA A 16 -7.28 19.52 -0.10
CA ALA A 16 -8.54 19.49 0.74
C ALA A 16 -9.61 18.66 0.05
N GLU A 17 -9.62 18.63 -1.29
CA GLU A 17 -10.54 17.75 -2.07
C GLU A 17 -9.70 16.81 -2.94
N PRO A 18 -10.23 15.62 -3.27
CA PRO A 18 -9.45 14.67 -4.06
C PRO A 18 -9.23 15.15 -5.50
N TYR A 19 -8.02 14.95 -6.03
CA TYR A 19 -7.75 15.04 -7.49
C TYR A 19 -8.02 13.65 -8.11
N ILE A 20 -9.04 13.54 -8.95
CA ILE A 20 -9.40 12.24 -9.57
C ILE A 20 -9.15 12.39 -11.07
N ASP A 21 -8.16 11.68 -11.57
CA ASP A 21 -7.76 11.70 -12.99
C ASP A 21 -9.00 11.38 -13.81
N PRO A 22 -9.28 12.15 -14.88
CA PRO A 22 -10.43 11.83 -15.71
C PRO A 22 -10.46 10.40 -16.25
N ALA A 23 -9.29 9.76 -16.42
CA ALA A 23 -9.14 8.35 -16.87
C ALA A 23 -9.22 7.37 -15.67
N ALA A 24 -9.47 7.80 -14.43
CA ALA A 24 -9.72 6.84 -13.30
C ALA A 24 -11.14 6.30 -13.42
N GLN A 25 -11.42 5.09 -12.91
CA GLN A 25 -12.79 4.52 -12.83
C GLN A 25 -13.12 4.30 -11.36
N VAL A 26 -13.74 5.30 -10.74
CA VAL A 26 -14.09 5.28 -9.29
C VAL A 26 -15.57 4.97 -9.19
N HIS A 27 -15.91 3.92 -8.48
CA HIS A 27 -17.34 3.55 -8.32
C HIS A 27 -18.06 4.70 -7.59
N ALA A 28 -19.31 4.93 -7.98
CA ALA A 28 -20.15 6.01 -7.42
C ALA A 28 -20.29 5.87 -5.91
N ILE A 29 -20.24 4.65 -5.38
CA ILE A 29 -20.46 4.34 -3.93
C ILE A 29 -19.10 4.29 -3.18
N ALA A 30 -17.94 4.35 -3.85
CA ALA A 30 -16.62 4.52 -3.17
C ALA A 30 -16.61 5.85 -2.43
N SER A 31 -15.90 5.97 -1.31
CA SER A 31 -15.80 7.19 -0.52
C SER A 31 -14.33 7.61 -0.56
N ILE A 32 -14.05 8.68 -1.30
CA ILE A 32 -12.70 9.28 -1.31
C ILE A 32 -12.80 10.69 -0.73
N ILE A 33 -12.04 10.95 0.32
CA ILE A 33 -12.17 12.20 1.13
C ILE A 33 -10.78 12.78 1.32
N GLY A 34 -10.65 14.09 1.17
CA GLY A 34 -9.42 14.77 1.59
C GLY A 34 -8.37 14.78 0.50
N ASP A 35 -7.10 14.93 0.91
CA ASP A 35 -6.03 15.22 -0.09
C ASP A 35 -5.51 13.89 -0.66
N VAL A 36 -6.24 13.37 -1.62
CA VAL A 36 -6.00 12.08 -2.30
C VAL A 36 -5.85 12.39 -3.78
N ARG A 37 -4.77 11.93 -4.37
CA ARG A 37 -4.52 11.95 -5.79
C ARG A 37 -4.70 10.55 -6.36
N ILE A 38 -5.66 10.40 -7.24
CA ILE A 38 -5.98 9.11 -7.95
C ILE A 38 -5.51 9.28 -9.41
N ALA A 39 -4.56 8.46 -9.85
CA ALA A 39 -3.94 8.57 -11.19
C ALA A 39 -4.81 7.90 -12.24
N ALA A 40 -4.44 8.14 -13.52
CA ALA A 40 -5.07 7.53 -14.69
C ALA A 40 -5.17 6.01 -14.50
N GLY A 41 -6.30 5.45 -14.90
CA GLY A 41 -6.46 3.98 -15.03
C GLY A 41 -6.66 3.30 -13.67
N VAL A 42 -6.69 4.07 -12.58
CA VAL A 42 -6.96 3.45 -11.25
C VAL A 42 -8.41 2.99 -11.23
N ARG A 43 -8.64 1.76 -10.75
CA ARG A 43 -10.03 1.29 -10.53
C ARG A 43 -10.31 1.20 -9.04
N VAL A 44 -11.43 1.75 -8.57
CA VAL A 44 -11.85 1.76 -7.17
C VAL A 44 -13.25 1.16 -7.11
N ALA A 45 -13.38 0.01 -6.46
CA ALA A 45 -14.65 -0.71 -6.32
C ALA A 45 -15.61 0.04 -5.39
N ALA A 46 -16.86 -0.44 -5.40
CA ALA A 46 -17.86 0.02 -4.44
C ALA A 46 -17.37 -0.43 -3.06
N GLY A 47 -17.67 0.38 -2.08
CA GLY A 47 -17.40 -0.01 -0.70
C GLY A 47 -15.91 -0.02 -0.46
N VAL A 48 -15.21 0.94 -1.08
CA VAL A 48 -13.80 1.29 -0.75
C VAL A 48 -13.80 2.62 -0.04
N SER A 49 -12.97 2.75 0.99
CA SER A 49 -12.90 4.01 1.77
C SER A 49 -11.47 4.48 1.72
N ILE A 50 -11.26 5.68 1.19
CA ILE A 50 -9.95 6.38 1.16
C ILE A 50 -10.19 7.73 1.86
N ARG A 51 -9.67 7.89 3.04
CA ARG A 51 -9.87 9.14 3.88
C ARG A 51 -8.50 9.65 4.24
N ALA A 52 -8.13 10.75 3.62
CA ALA A 52 -6.91 11.48 3.98
C ALA A 52 -7.40 12.65 4.86
N ASP A 53 -8.29 12.37 5.85
CA ASP A 53 -8.94 13.32 6.82
C ASP A 53 -8.11 13.45 8.11
N GLU A 54 -7.23 12.51 8.40
CA GLU A 54 -6.24 12.63 9.50
C GLU A 54 -4.88 12.84 8.84
N GLY A 55 -4.13 11.75 8.64
CA GLY A 55 -2.93 11.68 7.77
C GLY A 55 -3.28 12.01 6.31
N ALA A 56 -2.48 12.90 5.71
CA ALA A 56 -2.68 13.33 4.30
C ALA A 56 -1.29 13.77 3.90
N PRO A 57 -0.90 13.83 2.61
CA PRO A 57 -1.66 13.34 1.46
C PRO A 57 -1.44 11.86 1.11
N PHE A 58 -2.32 11.37 0.24
CA PHE A 58 -2.30 9.99 -0.35
C PHE A 58 -2.07 10.13 -1.85
N GLN A 59 -1.28 9.24 -2.45
CA GLN A 59 -1.11 9.09 -3.89
C GLN A 59 -1.42 7.64 -4.25
N VAL A 60 -2.31 7.45 -5.21
CA VAL A 60 -2.64 6.12 -5.81
C VAL A 60 -2.17 6.16 -7.26
N GLY A 61 -1.10 5.45 -7.56
CA GLY A 61 -0.45 5.49 -8.89
C GLY A 61 -1.20 4.75 -9.96
N LYS A 62 -0.80 5.10 -11.19
CA LYS A 62 -1.48 4.65 -12.42
C LYS A 62 -1.82 3.17 -12.38
N GLU A 63 -3.04 2.86 -12.72
CA GLU A 63 -3.53 1.48 -13.05
C GLU A 63 -3.48 0.57 -11.80
N SER A 64 -3.41 1.19 -10.64
CA SER A 64 -3.69 0.47 -9.37
C SER A 64 -5.17 0.03 -9.32
N ILE A 65 -5.47 -1.00 -8.52
CA ILE A 65 -6.84 -1.58 -8.36
C ILE A 65 -7.14 -1.67 -6.88
N LEU A 66 -8.26 -1.11 -6.43
CA LEU A 66 -8.68 -1.23 -5.02
C LEU A 66 -10.02 -1.98 -5.03
N GLN A 67 -10.05 -3.14 -4.38
CA GLN A 67 -11.28 -3.97 -4.34
C GLN A 67 -12.17 -3.72 -3.14
N GLU A 68 -13.39 -4.29 -3.18
CA GLU A 68 -14.37 -4.01 -2.11
C GLU A 68 -13.80 -4.30 -0.72
N GLY A 69 -14.12 -3.44 0.25
CA GLY A 69 -13.73 -3.66 1.65
C GLY A 69 -12.38 -3.02 1.92
N ALA A 70 -11.62 -2.64 0.88
CA ALA A 70 -10.28 -2.01 1.06
C ALA A 70 -10.46 -0.68 1.76
N VAL A 71 -9.56 -0.40 2.69
CA VAL A 71 -9.55 0.87 3.44
C VAL A 71 -8.16 1.43 3.28
N ILE A 72 -8.04 2.72 3.00
CA ILE A 72 -6.75 3.42 3.03
C ILE A 72 -6.93 4.60 4.04
N HIS A 73 -6.22 4.59 5.16
CA HIS A 73 -6.31 5.67 6.16
C HIS A 73 -4.87 6.02 6.52
N GLY A 74 -4.67 7.02 7.38
CA GLY A 74 -3.30 7.37 7.74
C GLY A 74 -3.22 8.07 9.09
N LEU A 75 -2.16 7.87 9.81
CA LEU A 75 -1.95 8.60 11.10
C LEU A 75 -1.71 10.08 10.78
N GLU A 76 -2.17 10.92 11.72
CA GLU A 76 -1.95 12.40 11.63
C GLU A 76 -0.45 12.64 11.35
N TYR A 77 0.43 11.98 12.09
CA TYR A 77 1.89 12.14 11.99
C TYR A 77 2.58 10.91 11.43
N GLY A 78 3.68 11.14 10.75
CA GLY A 78 4.49 10.08 10.14
C GLY A 78 4.17 10.02 8.65
N ARG A 79 5.22 9.95 7.87
CA ARG A 79 5.21 10.06 6.39
C ARG A 79 6.19 9.03 5.81
N VAL A 80 6.09 8.83 4.52
CA VAL A 80 7.03 8.11 3.66
C VAL A 80 7.39 9.06 2.51
N LEU A 81 8.56 8.84 1.99
CA LEU A 81 9.06 9.56 0.81
C LEU A 81 8.54 8.90 -0.46
N GLY A 82 7.74 9.65 -1.19
CA GLY A 82 7.26 9.32 -2.54
C GLY A 82 8.40 9.28 -3.56
N ASP A 83 8.17 8.61 -4.69
CA ASP A 83 9.12 8.55 -5.86
C ASP A 83 9.34 9.98 -6.39
N ASP A 84 8.40 10.88 -6.18
CA ASP A 84 8.53 12.28 -6.66
C ASP A 84 9.30 13.13 -5.65
N GLN A 85 9.85 12.52 -4.58
CA GLN A 85 10.64 13.18 -3.50
C GLN A 85 9.74 14.04 -2.61
N ALA A 86 8.41 13.95 -2.72
CA ALA A 86 7.49 14.61 -1.77
C ALA A 86 7.12 13.59 -0.68
N ASP A 87 6.65 14.09 0.46
CA ASP A 87 6.20 13.29 1.64
C ASP A 87 4.70 12.99 1.56
N TYR A 88 4.34 11.72 1.81
CA TYR A 88 2.96 11.21 1.80
C TYR A 88 2.71 10.47 3.09
N SER A 89 1.47 10.52 3.56
CA SER A 89 0.99 9.55 4.58
C SER A 89 1.00 8.17 3.88
N VAL A 90 0.40 8.10 2.71
CA VAL A 90 0.28 6.84 1.92
C VAL A 90 0.75 7.09 0.50
N TRP A 91 1.75 6.35 0.06
CA TRP A 91 2.20 6.31 -1.37
C TRP A 91 1.90 4.91 -1.88
N ILE A 92 1.00 4.80 -2.83
CA ILE A 92 0.74 3.56 -3.57
C ILE A 92 1.26 3.80 -4.99
N GLY A 93 2.20 2.97 -5.40
CA GLY A 93 2.82 3.08 -6.74
C GLY A 93 1.89 2.67 -7.88
N GLN A 94 2.48 2.38 -9.03
CA GLN A 94 1.69 2.00 -10.21
C GLN A 94 1.35 0.51 -10.15
N ARG A 95 0.21 0.12 -10.71
CA ARG A 95 -0.26 -1.27 -10.93
C ARG A 95 -0.17 -2.03 -9.60
N VAL A 96 -0.51 -1.36 -8.52
CA VAL A 96 -0.61 -2.05 -7.20
C VAL A 96 -2.02 -2.59 -7.01
N ALA A 97 -2.12 -3.83 -6.53
CA ALA A 97 -3.41 -4.51 -6.36
C ALA A 97 -3.70 -4.56 -4.86
N ILE A 98 -4.75 -3.86 -4.41
CA ILE A 98 -5.15 -3.83 -2.98
C ILE A 98 -6.46 -4.56 -2.91
N THR A 99 -6.45 -5.83 -2.51
CA THR A 99 -7.59 -6.70 -2.72
C THR A 99 -8.59 -6.62 -1.55
N HIS A 100 -9.63 -7.45 -1.65
CA HIS A 100 -10.78 -7.45 -0.75
C HIS A 100 -10.33 -7.34 0.69
N LYS A 101 -10.85 -6.32 1.35
CA LYS A 101 -10.76 -6.15 2.84
C LYS A 101 -9.31 -5.81 3.26
N ALA A 102 -8.40 -5.48 2.35
CA ALA A 102 -7.04 -5.05 2.79
C ALA A 102 -7.08 -3.65 3.44
N LEU A 103 -6.18 -3.46 4.39
CA LEU A 103 -6.07 -2.18 5.10
C LEU A 103 -4.66 -1.67 4.80
N ILE A 104 -4.59 -0.47 4.23
CA ILE A 104 -3.30 0.21 4.03
C ILE A 104 -3.36 1.41 4.97
N HIS A 105 -2.53 1.45 5.98
CA HIS A 105 -2.59 2.53 6.97
C HIS A 105 -1.25 3.25 6.99
N GLY A 106 -1.32 4.55 6.67
CA GLY A 106 -0.15 5.40 6.72
C GLY A 106 0.39 5.43 8.13
N PRO A 107 1.70 5.59 8.25
CA PRO A 107 2.62 5.76 7.11
C PRO A 107 2.81 4.47 6.29
N ALA A 108 2.68 4.52 4.98
CA ALA A 108 2.77 3.28 4.18
C ALA A 108 3.25 3.63 2.77
N TYR A 109 4.20 2.87 2.30
CA TYR A 109 4.72 2.88 0.91
C TYR A 109 4.52 1.51 0.31
N LEU A 110 3.84 1.44 -0.83
CA LEU A 110 3.72 0.22 -1.68
C LEU A 110 4.34 0.60 -3.03
N GLY A 111 5.42 -0.07 -3.34
CA GLY A 111 6.11 0.14 -4.62
C GLY A 111 5.33 -0.44 -5.77
N ASP A 112 5.78 -0.01 -6.96
CA ASP A 112 5.08 -0.46 -8.16
C ASP A 112 4.93 -1.98 -8.19
N ASP A 113 3.82 -2.44 -8.75
CA ASP A 113 3.57 -3.86 -9.05
C ASP A 113 3.45 -4.70 -7.76
N CYS A 114 3.19 -4.09 -6.63
CA CYS A 114 2.94 -4.89 -5.43
C CYS A 114 1.53 -5.47 -5.47
N PHE A 115 1.34 -6.57 -4.75
CA PHE A 115 0.03 -7.22 -4.58
C PHE A 115 -0.16 -7.36 -3.08
N VAL A 116 -1.36 -6.99 -2.59
CA VAL A 116 -1.73 -7.15 -1.17
C VAL A 116 -3.00 -7.99 -1.18
N GLY A 117 -2.91 -9.20 -0.69
CA GLY A 117 -3.98 -10.16 -0.70
C GLY A 117 -5.08 -9.94 0.31
N PHE A 118 -6.07 -10.83 0.23
CA PHE A 118 -7.37 -10.62 0.95
C PHE A 118 -7.08 -10.47 2.42
N ARG A 119 -7.65 -9.41 2.98
CA ARG A 119 -7.68 -9.26 4.44
C ARG A 119 -6.27 -8.97 4.97
N SER A 120 -5.33 -8.53 4.19
CA SER A 120 -3.98 -8.21 4.63
C SER A 120 -3.87 -6.74 4.99
N THR A 121 -2.90 -6.47 5.86
CA THR A 121 -2.70 -5.13 6.42
C THR A 121 -1.25 -4.70 6.16
N VAL A 122 -1.04 -3.45 5.78
CA VAL A 122 0.27 -2.81 5.71
C VAL A 122 0.13 -1.56 6.58
N PHE A 123 0.91 -1.48 7.60
CA PHE A 123 0.87 -0.30 8.50
C PHE A 123 2.29 0.10 8.96
N ASN A 124 2.59 1.37 8.84
CA ASN A 124 3.93 1.87 9.23
C ASN A 124 5.01 1.02 8.58
N ALA A 125 4.95 0.92 7.27
CA ALA A 125 5.84 -0.01 6.55
C ALA A 125 6.07 0.46 5.12
N ARG A 126 7.20 0.01 4.58
CA ARG A 126 7.62 0.29 3.17
C ARG A 126 7.78 -1.07 2.51
N VAL A 127 7.02 -1.31 1.44
CA VAL A 127 7.04 -2.55 0.69
C VAL A 127 7.64 -2.30 -0.70
N GLY A 128 8.78 -2.87 -0.91
CA GLY A 128 9.49 -2.72 -2.17
C GLY A 128 8.70 -3.22 -3.36
N ALA A 129 8.96 -2.62 -4.49
CA ALA A 129 8.30 -2.94 -5.76
C ALA A 129 8.32 -4.43 -6.03
N GLY A 130 7.25 -4.89 -6.65
CA GLY A 130 7.20 -6.26 -7.14
C GLY A 130 7.09 -7.27 -6.01
N SER A 131 6.68 -6.82 -4.81
CA SER A 131 6.44 -7.77 -3.70
C SER A 131 5.02 -8.31 -3.74
N VAL A 132 4.84 -9.54 -3.26
CA VAL A 132 3.53 -10.23 -3.25
C VAL A 132 3.24 -10.54 -1.78
N ILE A 133 2.24 -9.85 -1.24
CA ILE A 133 1.73 -10.16 0.14
C ILE A 133 0.47 -10.97 -0.06
N MET A 134 0.43 -12.16 0.52
CA MET A 134 -0.66 -13.11 0.35
C MET A 134 -1.77 -12.78 1.35
N MET A 135 -2.58 -13.76 1.60
CA MET A 135 -3.89 -13.52 2.27
C MET A 135 -3.73 -13.54 3.78
N HIS A 136 -4.53 -12.77 4.49
CA HIS A 136 -4.55 -12.83 5.99
C HIS A 136 -3.15 -12.58 6.57
N ALA A 137 -2.43 -11.61 6.03
CA ALA A 137 -1.07 -11.29 6.54
C ALA A 137 -1.07 -9.90 7.13
N LEU A 138 -0.08 -9.68 8.00
CA LEU A 138 0.21 -8.35 8.60
C LEU A 138 1.66 -8.04 8.28
N VAL A 139 1.86 -6.79 7.84
CA VAL A 139 3.17 -6.17 7.60
C VAL A 139 3.15 -4.85 8.38
N GLN A 140 3.98 -4.76 9.37
CA GLN A 140 3.96 -3.60 10.29
C GLN A 140 5.41 -3.29 10.67
N ASP A 141 5.74 -2.02 10.64
CA ASP A 141 7.02 -1.51 11.28
C ASP A 141 8.29 -1.94 10.55
N VAL A 142 8.19 -2.27 9.26
CA VAL A 142 9.32 -2.87 8.53
C VAL A 142 9.45 -2.25 7.16
N GLU A 143 10.64 -2.42 6.58
CA GLU A 143 10.89 -2.29 5.15
C GLU A 143 11.00 -3.69 4.56
N ILE A 144 10.09 -4.01 3.64
CA ILE A 144 10.22 -5.25 2.82
C ILE A 144 11.01 -4.86 1.57
N PRO A 145 12.12 -5.56 1.33
CA PRO A 145 12.92 -5.30 0.15
C PRO A 145 12.11 -5.59 -1.09
N PRO A 146 12.50 -5.01 -2.25
CA PRO A 146 11.79 -5.26 -3.49
C PRO A 146 11.76 -6.76 -3.75
N GLY A 147 10.65 -7.21 -4.31
CA GLY A 147 10.48 -8.55 -4.84
C GLY A 147 10.47 -9.65 -3.82
N ARG A 148 9.81 -9.43 -2.66
CA ARG A 148 9.71 -10.49 -1.65
C ARG A 148 8.27 -10.98 -1.58
N TYR A 149 8.18 -12.18 -1.07
CA TYR A 149 6.89 -12.90 -0.91
C TYR A 149 6.58 -13.03 0.55
N VAL A 150 5.33 -12.65 0.91
CA VAL A 150 4.85 -12.81 2.32
C VAL A 150 3.74 -13.82 2.32
N PRO A 151 3.97 -14.99 2.92
CA PRO A 151 3.02 -16.08 2.83
C PRO A 151 1.70 -15.76 3.54
N SER A 152 0.69 -16.52 3.18
CA SER A 152 -0.62 -16.36 3.84
C SER A 152 -0.48 -16.61 5.35
N GLY A 153 -1.15 -15.73 6.11
CA GLY A 153 -1.14 -15.84 7.56
C GLY A 153 0.11 -15.31 8.23
N ALA A 154 1.07 -14.78 7.49
CA ALA A 154 2.30 -14.27 8.13
C ALA A 154 2.03 -13.01 8.94
N ILE A 155 2.74 -12.92 10.06
CA ILE A 155 2.70 -11.74 10.95
C ILE A 155 4.14 -11.21 10.94
N ILE A 156 4.38 -10.18 10.13
CA ILE A 156 5.71 -9.59 9.88
C ILE A 156 5.75 -8.27 10.61
N THR A 157 6.47 -8.26 11.73
CA THR A 157 6.51 -7.09 12.65
C THR A 157 7.93 -6.70 13.03
N THR A 158 8.97 -7.37 12.54
CA THR A 158 10.37 -7.03 12.82
C THR A 158 11.20 -6.99 11.56
N GLN A 159 12.26 -6.19 11.57
CA GLN A 159 13.12 -6.04 10.38
C GLN A 159 13.81 -7.39 10.11
N GLN A 160 14.13 -8.18 11.13
CA GLN A 160 14.83 -9.45 10.93
C GLN A 160 13.91 -10.31 10.06
N GLN A 161 12.64 -10.43 10.45
CA GLN A 161 11.63 -11.19 9.68
C GLN A 161 11.52 -10.65 8.26
N ALA A 162 11.47 -9.35 8.02
CA ALA A 162 11.27 -8.79 6.69
C ALA A 162 12.54 -9.05 5.83
N ASP A 163 13.72 -8.97 6.41
CA ASP A 163 14.99 -9.22 5.64
C ASP A 163 15.12 -10.69 5.24
N ARG A 164 14.48 -11.58 5.97
CA ARG A 164 14.49 -13.05 5.72
C ARG A 164 13.44 -13.55 4.69
N LEU A 165 12.51 -12.73 4.28
CA LEU A 165 11.42 -13.20 3.41
C LEU A 165 12.06 -13.73 2.13
N PRO A 166 11.41 -14.74 1.58
CA PRO A 166 11.81 -15.35 0.30
C PRO A 166 11.43 -14.46 -0.85
N GLU A 167 12.07 -14.69 -2.00
CA GLU A 167 11.82 -13.96 -3.21
C GLU A 167 10.54 -14.42 -3.88
N VAL A 168 9.95 -13.47 -4.52
CA VAL A 168 8.81 -13.69 -5.40
C VAL A 168 9.27 -14.56 -6.58
N ARG A 169 8.48 -15.56 -6.91
CA ARG A 169 8.76 -16.41 -8.11
C ARG A 169 7.76 -16.04 -9.17
N PRO A 170 8.01 -16.39 -10.45
CA PRO A 170 7.03 -16.14 -11.46
C PRO A 170 5.60 -16.67 -11.21
N GLU A 171 5.50 -17.84 -10.58
CA GLU A 171 4.19 -18.48 -10.21
C GLU A 171 3.41 -17.52 -9.28
N ASP A 172 4.12 -16.75 -8.45
CA ASP A 172 3.48 -15.79 -7.47
C ASP A 172 2.85 -14.64 -8.21
N ARG A 173 3.58 -14.03 -9.19
CA ARG A 173 3.03 -12.93 -10.00
C ARG A 173 1.89 -13.40 -10.88
N GLU A 174 2.00 -14.61 -11.41
CA GLU A 174 0.90 -15.19 -12.27
C GLU A 174 -0.39 -15.33 -11.39
N PHE A 175 -0.22 -15.78 -10.14
CA PHE A 175 -1.28 -15.94 -9.09
C PHE A 175 -1.89 -14.54 -8.93
N ALA A 176 -1.06 -13.57 -8.64
CA ALA A 176 -1.52 -12.17 -8.46
C ALA A 176 -2.34 -11.69 -9.66
N ARG A 177 -1.85 -11.91 -10.89
CA ARG A 177 -2.54 -11.42 -12.11
C ARG A 177 -3.90 -12.11 -12.22
N HIS A 178 -3.96 -13.35 -11.84
CA HIS A 178 -5.24 -14.09 -11.86
C HIS A 178 -6.24 -13.42 -10.92
N ILE A 179 -5.81 -13.03 -9.74
CA ILE A 179 -6.76 -12.54 -8.72
C ILE A 179 -7.30 -11.14 -9.04
N ILE A 180 -6.52 -10.26 -9.68
CA ILE A 180 -6.88 -8.82 -9.96
C ILE A 180 -8.09 -8.75 -10.90
N GLY B 1 8.38 8.76 16.83
CA GLY B 1 7.44 7.61 16.74
C GLY B 1 7.68 6.57 17.85
N TRP B 2 7.27 5.31 17.60
CA TRP B 2 7.43 4.21 18.61
C TRP B 2 8.64 3.36 18.32
N LEU B 3 9.21 3.47 17.13
CA LEU B 3 10.39 2.70 16.71
C LEU B 3 11.68 3.49 16.92
N ALA B 4 12.81 2.78 16.86
CA ALA B 4 14.18 3.39 16.85
C ALA B 4 14.26 4.30 15.64
N PRO B 5 14.86 5.51 15.71
CA PRO B 5 14.92 6.38 14.56
C PRO B 5 15.47 5.78 13.27
N GLU B 6 16.50 4.93 13.37
CA GLU B 6 17.15 4.33 12.17
C GLU B 6 16.17 3.35 11.49
N GLN B 7 15.34 2.70 12.30
CA GLN B 7 14.28 1.80 11.76
C GLN B 7 13.18 2.67 11.16
N GLN B 8 12.76 3.77 11.80
CA GLN B 8 11.70 4.62 11.17
C GLN B 8 12.23 5.18 9.84
N GLN B 9 13.53 5.44 9.73
CA GLN B 9 14.18 5.93 8.48
C GLN B 9 14.13 4.87 7.37
N ARG B 10 14.34 3.58 7.67
CA ARG B 10 14.14 2.53 6.63
C ARG B 10 12.72 2.59 6.09
N ILE B 11 11.71 2.88 6.91
CA ILE B 11 10.28 3.00 6.45
C ILE B 11 10.10 4.33 5.70
N TYR B 12 10.64 5.45 6.22
CA TYR B 12 10.48 6.76 5.57
C TYR B 12 11.06 6.70 4.16
N ARG B 13 12.29 6.17 4.04
CA ARG B 13 13.11 6.31 2.82
C ARG B 13 13.52 4.92 2.24
N GLY B 14 13.93 3.94 3.06
CA GLY B 14 14.49 2.67 2.57
C GLY B 14 15.99 2.78 2.37
N ASN B 15 16.73 1.67 2.29
CA ASN B 15 18.21 1.71 2.14
C ASN B 15 18.61 2.17 0.73
#